data_4NAT
#
_entry.id   4NAT
#
_cell.length_a   76.157
_cell.length_b   127.283
_cell.length_c   126.950
_cell.angle_alpha   90.00
_cell.angle_beta   90.00
_cell.angle_gamma   90.00
#
_symmetry.space_group_name_H-M   'C 2 2 21'
#
loop_
_entity.id
_entity.type
_entity.pdbx_description
1 polymer 'Phosphopantetheine adenylyltransferase'
2 non-polymer (1R,2R)-N-(3,4-dichlorobenzyl)-2-(4,6-dimethoxypyrimidin-2-yl)cyclohexanecarboxamide
3 non-polymer '4-(2-HYDROXYETHYL)-1-PIPERAZINE ETHANESULFONIC ACID'
4 non-polymer "ADENOSINE-5'-DIPHOSPHATE"
5 water water
#
_entity_poly.entity_id   1
_entity_poly.type   'polypeptide(L)'
_entity_poly.pdbx_seq_one_letter_code
;MEHTIAVIPGSFDPITYGHLDIIERSTDRFDEIHVCVLKNSKKEGTFSLEERMDLIEQSVKHLPNVKVHQFSGLLVDYCE
QVGAKTIIRGLRAVSDFEYELRLTSMNKKLNNEIETLYMMSSTNYSFISSSIVKEVAAYRADISEFVPPYVEKALKKKFK
;
_entity_poly.pdbx_strand_id   A,B,C
#
loop_
_chem_comp.id
_chem_comp.type
_chem_comp.name
_chem_comp.formula
2W5 non-polymer (1R,2R)-N-(3,4-dichlorobenzyl)-2-(4,6-dimethoxypyrimidin-2-yl)cyclohexanecarboxamide 'C20 H23 Cl2 N3 O3'
ADP non-polymer ADENOSINE-5'-DIPHOSPHATE 'C10 H15 N5 O10 P2'
EPE non-polymer '4-(2-HYDROXYETHYL)-1-PIPERAZINE ETHANESULFONIC ACID' 'C8 H18 N2 O4 S'
#
# COMPACT_ATOMS: atom_id res chain seq x y z
N GLU A 2 10.49 -25.67 -27.98
CA GLU A 2 9.41 -25.29 -27.07
C GLU A 2 8.55 -26.46 -26.71
N HIS A 3 9.13 -27.55 -26.22
CA HIS A 3 8.45 -28.41 -25.23
C HIS A 3 7.96 -27.45 -24.10
N THR A 4 8.80 -26.56 -23.52
CA THR A 4 8.36 -25.74 -22.34
C THR A 4 8.48 -24.20 -22.57
N ILE A 5 7.46 -23.46 -22.18
CA ILE A 5 7.42 -22.03 -22.31
C ILE A 5 7.12 -21.47 -20.90
N ALA A 6 7.90 -20.49 -20.44
CA ALA A 6 7.55 -19.74 -19.18
C ALA A 6 7.17 -18.34 -19.54
N VAL A 7 6.10 -17.82 -18.93
CA VAL A 7 5.66 -16.48 -19.12
C VAL A 7 6.03 -15.54 -17.97
N ILE A 8 6.59 -14.38 -18.33
CA ILE A 8 7.01 -13.38 -17.34
C ILE A 8 6.22 -12.12 -17.54
N PRO A 9 5.17 -11.90 -16.70
CA PRO A 9 4.34 -10.80 -16.89
C PRO A 9 4.78 -9.55 -16.14
N GLY A 10 4.27 -8.42 -16.60
CA GLY A 10 4.51 -7.19 -15.92
C GLY A 10 4.01 -5.97 -16.64
N SER A 11 4.10 -4.81 -15.97
CA SER A 11 3.88 -3.50 -16.63
C SER A 11 5.17 -2.97 -17.28
N PHE A 12 6.34 -3.23 -16.70
CA PHE A 12 7.65 -2.84 -17.30
C PHE A 12 7.64 -1.37 -17.74
N ASP A 13 7.49 -0.49 -16.77
CA ASP A 13 7.25 0.97 -17.02
C ASP A 13 8.32 1.84 -16.31
N PRO A 14 9.59 1.69 -16.69
CA PRO A 14 10.13 0.80 -17.71
C PRO A 14 10.75 -0.47 -17.08
N ILE A 15 11.15 -1.40 -17.94
CA ILE A 15 12.06 -2.47 -17.57
C ILE A 15 13.36 -1.98 -16.90
N THR A 16 13.76 -2.66 -15.83
CA THR A 16 14.90 -2.34 -15.09
C THR A 16 15.75 -3.57 -14.97
N TYR A 17 16.89 -3.42 -14.31
CA TYR A 17 17.76 -4.58 -14.14
C TYR A 17 17.19 -5.57 -13.10
N GLY A 18 16.30 -5.10 -12.24
CA GLY A 18 15.46 -5.98 -11.38
C GLY A 18 14.62 -6.97 -12.20
N HIS A 19 13.96 -6.48 -13.25
CA HIS A 19 13.26 -7.34 -14.19
C HIS A 19 14.21 -8.19 -14.97
N LEU A 20 15.30 -7.61 -15.42
CA LEU A 20 16.20 -8.39 -16.28
C LEU A 20 16.88 -9.52 -15.56
N ASP A 21 17.19 -9.29 -14.27
CA ASP A 21 17.70 -10.31 -13.31
C ASP A 21 16.87 -11.61 -13.44
N ILE A 22 15.58 -11.46 -13.28
CA ILE A 22 14.64 -12.61 -13.32
C ILE A 22 14.59 -13.23 -14.71
N ILE A 23 14.47 -12.38 -15.73
CA ILE A 23 14.42 -12.85 -17.14
C ILE A 23 15.69 -13.66 -17.50
N GLU A 24 16.88 -13.14 -17.24
CA GLU A 24 18.13 -13.80 -17.53
C GLU A 24 18.31 -15.11 -16.78
N ARG A 25 17.81 -15.16 -15.54
CA ARG A 25 17.92 -16.35 -14.73
C ARG A 25 16.98 -17.49 -15.18
N SER A 26 15.96 -17.13 -15.95
CA SER A 26 14.94 -18.03 -16.44
C SER A 26 15.25 -18.67 -17.81
N THR A 27 16.02 -17.98 -18.61
CA THR A 27 16.29 -18.36 -20.03
C THR A 27 16.78 -19.80 -20.22
N ASP A 28 17.72 -20.21 -19.37
CA ASP A 28 18.32 -21.56 -19.40
C ASP A 28 17.41 -22.62 -18.90
N ARG A 29 16.26 -22.31 -18.34
CA ARG A 29 15.45 -23.31 -17.68
C ARG A 29 14.22 -23.70 -18.45
N PHE A 30 13.99 -23.10 -19.61
CA PHE A 30 12.76 -23.33 -20.38
C PHE A 30 13.19 -23.17 -21.84
N ASP A 31 12.47 -23.81 -22.76
CA ASP A 31 12.84 -23.63 -24.19
C ASP A 31 12.59 -22.20 -24.63
N GLU A 32 11.47 -21.60 -24.23
CA GLU A 32 11.20 -20.17 -24.52
C GLU A 32 10.68 -19.42 -23.29
N ILE A 33 10.94 -18.14 -23.30
CA ILE A 33 10.43 -17.17 -22.36
C ILE A 33 9.62 -16.09 -23.12
N HIS A 34 8.41 -15.85 -22.65
CA HIS A 34 7.57 -14.80 -23.17
C HIS A 34 7.45 -13.75 -22.11
N VAL A 35 7.98 -12.59 -22.40
CA VAL A 35 7.77 -11.42 -21.57
C VAL A 35 6.45 -10.83 -22.05
N CYS A 36 5.47 -10.75 -21.15
CA CYS A 36 4.11 -10.37 -21.50
CA CYS A 36 4.13 -10.36 -21.54
C CYS A 36 3.71 -9.09 -20.83
N VAL A 37 3.20 -8.14 -21.63
CA VAL A 37 2.86 -6.80 -21.23
C VAL A 37 1.38 -6.46 -21.37
N LEU A 38 1.03 -5.46 -20.56
CA LEU A 38 -0.26 -4.69 -20.49
C LEU A 38 -0.85 -4.12 -21.75
N GLY A 45 0.53 5.34 -17.06
CA GLY A 45 1.94 5.11 -16.76
C GLY A 45 2.82 6.20 -17.33
N THR A 46 4.13 6.04 -17.26
CA THR A 46 5.01 7.06 -17.81
C THR A 46 5.25 6.81 -19.28
N PHE A 47 5.47 5.57 -19.68
CA PHE A 47 5.72 5.21 -21.07
C PHE A 47 4.53 4.48 -21.70
N SER A 48 4.34 4.67 -23.00
CA SER A 48 3.22 4.03 -23.70
C SER A 48 3.51 2.54 -23.86
N LEU A 49 2.49 1.78 -24.21
CA LEU A 49 2.66 0.37 -24.43
C LEU A 49 3.71 0.13 -25.47
N GLU A 50 3.61 0.87 -26.57
CA GLU A 50 4.46 0.64 -27.70
C GLU A 50 5.89 0.92 -27.26
N GLU A 51 6.07 2.02 -26.53
CA GLU A 51 7.39 2.36 -25.96
C GLU A 51 7.92 1.30 -25.03
N ARG A 52 7.10 0.90 -24.08
CA ARG A 52 7.52 -0.22 -23.14
C ARG A 52 7.96 -1.48 -23.85
N MET A 53 7.21 -1.89 -24.88
CA MET A 53 7.56 -3.08 -25.62
C MET A 53 8.90 -2.98 -26.33
N ASP A 54 9.13 -1.83 -26.94
CA ASP A 54 10.40 -1.54 -27.59
C ASP A 54 11.58 -1.56 -26.58
N LEU A 55 11.38 -0.97 -25.39
CA LEU A 55 12.46 -0.96 -24.41
C LEU A 55 12.81 -2.37 -23.98
N ILE A 56 11.82 -3.27 -23.90
CA ILE A 56 12.08 -4.64 -23.52
C ILE A 56 12.81 -5.38 -24.63
N GLU A 57 12.23 -5.27 -25.81
CA GLU A 57 12.83 -5.89 -27.00
C GLU A 57 14.30 -5.53 -27.11
N GLN A 58 14.63 -4.25 -27.03
CA GLN A 58 16.04 -3.86 -27.09
C GLN A 58 16.87 -4.37 -25.90
N SER A 59 16.25 -4.44 -24.73
CA SER A 59 16.97 -4.93 -23.53
C SER A 59 17.20 -6.44 -23.47
N VAL A 60 16.41 -7.20 -24.21
CA VAL A 60 16.57 -8.65 -24.19
C VAL A 60 17.10 -9.24 -25.49
N LYS A 61 17.65 -8.42 -26.38
CA LYS A 61 17.96 -8.93 -27.72
C LYS A 61 19.16 -9.83 -27.72
N HIS A 62 19.97 -9.70 -26.68
CA HIS A 62 21.02 -10.63 -26.42
C HIS A 62 20.58 -12.06 -25.92
N LEU A 63 19.30 -12.28 -25.66
CA LEU A 63 18.81 -13.54 -25.16
C LEU A 63 17.93 -14.15 -26.24
N PRO A 64 18.49 -15.07 -27.03
CA PRO A 64 17.71 -15.53 -28.20
C PRO A 64 16.39 -16.29 -27.97
N ASN A 65 16.18 -16.92 -26.82
CA ASN A 65 14.90 -17.58 -26.56
C ASN A 65 13.82 -16.70 -25.84
N VAL A 66 14.03 -15.37 -25.79
CA VAL A 66 13.08 -14.48 -25.16
C VAL A 66 12.32 -13.70 -26.22
N LYS A 67 11.00 -13.70 -26.10
CA LYS A 67 10.10 -12.99 -27.02
C LYS A 67 9.19 -12.10 -26.20
N VAL A 68 8.70 -11.05 -26.81
CA VAL A 68 7.98 -10.00 -26.12
C VAL A 68 6.63 -9.93 -26.73
N HIS A 69 5.58 -10.06 -25.93
CA HIS A 69 4.23 -9.94 -26.42
C HIS A 69 3.32 -9.14 -25.53
N GLN A 70 2.16 -8.81 -26.08
CA GLN A 70 1.10 -8.06 -25.38
C GLN A 70 -0.13 -8.94 -25.47
N PHE A 71 -1.09 -8.75 -24.56
CA PHE A 71 -2.30 -9.54 -24.58
C PHE A 71 -3.45 -8.75 -24.01
N SER A 72 -4.62 -8.94 -24.62
CA SER A 72 -5.88 -8.35 -24.14
C SER A 72 -6.66 -9.53 -23.60
N GLY A 73 -6.73 -9.63 -22.30
CA GLY A 73 -7.33 -10.84 -21.67
C GLY A 73 -6.57 -11.25 -20.41
N LEU A 74 -6.95 -12.38 -19.83
CA LEU A 74 -6.39 -12.86 -18.57
C LEU A 74 -5.06 -13.49 -18.87
N LEU A 75 -4.10 -13.27 -17.98
CA LEU A 75 -2.80 -13.96 -18.11
C LEU A 75 -2.89 -15.44 -18.30
N VAL A 76 -3.76 -16.09 -17.55
CA VAL A 76 -3.86 -17.52 -17.59
C VAL A 76 -4.44 -18.01 -19.01
N ASP A 77 -5.18 -17.16 -19.68
CA ASP A 77 -5.69 -17.45 -21.03
C ASP A 77 -4.59 -17.27 -22.07
N TYR A 78 -3.68 -16.32 -21.84
CA TYR A 78 -2.46 -16.18 -22.68
C TYR A 78 -1.62 -17.44 -22.61
N CYS A 79 -1.28 -17.87 -21.40
CA CYS A 79 -0.54 -19.09 -21.16
C CYS A 79 -1.13 -20.31 -21.87
N GLU A 80 -2.44 -20.47 -21.75
CA GLU A 80 -3.19 -21.54 -22.49
C GLU A 80 -2.99 -21.47 -23.99
N GLN A 81 -3.19 -20.27 -24.51
CA GLN A 81 -3.07 -19.99 -25.92
C GLN A 81 -1.70 -20.35 -26.48
N VAL A 82 -0.63 -19.99 -25.76
CA VAL A 82 0.72 -20.27 -26.26
C VAL A 82 1.26 -21.59 -25.82
N GLY A 83 0.58 -22.26 -24.87
CA GLY A 83 1.00 -23.55 -24.40
C GLY A 83 2.01 -23.47 -23.27
N ALA A 84 1.98 -22.41 -22.50
CA ALA A 84 2.88 -22.21 -21.37
C ALA A 84 2.18 -22.80 -20.18
N LYS A 85 2.86 -23.58 -19.40
CA LYS A 85 2.29 -24.11 -18.18
C LYS A 85 2.86 -23.38 -16.90
N THR A 86 3.76 -22.42 -17.09
CA THR A 86 4.48 -21.76 -15.98
C THR A 86 4.50 -20.26 -16.16
N ILE A 87 4.13 -19.56 -15.09
CA ILE A 87 4.31 -18.10 -14.93
C ILE A 87 5.47 -17.88 -13.95
N ILE A 88 6.38 -16.97 -14.28
CA ILE A 88 7.55 -16.74 -13.42
C ILE A 88 7.41 -15.33 -12.87
N ARG A 89 7.49 -15.22 -11.55
CA ARG A 89 7.44 -13.89 -10.86
C ARG A 89 8.65 -13.75 -9.91
N GLY A 90 9.19 -12.54 -9.75
CA GLY A 90 10.31 -12.28 -8.84
C GLY A 90 9.74 -11.84 -7.51
N LEU A 91 10.40 -12.17 -6.41
CA LEU A 91 9.99 -11.69 -5.09
C LEU A 91 11.16 -10.86 -4.51
N ARG A 92 10.83 -9.69 -3.99
CA ARG A 92 11.84 -8.79 -3.36
C ARG A 92 11.69 -8.64 -1.83
N ALA A 93 10.47 -8.81 -1.33
CA ALA A 93 10.14 -8.36 -0.02
C ALA A 93 8.90 -9.00 0.49
N VAL A 94 8.61 -8.78 1.77
CA VAL A 94 7.42 -9.35 2.35
C VAL A 94 6.15 -8.90 1.64
N SER A 95 6.10 -7.61 1.26
CA SER A 95 4.91 -7.05 0.62
C SER A 95 4.68 -7.67 -0.75
N ASP A 96 5.78 -7.91 -1.50
CA ASP A 96 5.66 -8.70 -2.78
C ASP A 96 5.08 -10.03 -2.50
N PHE A 97 5.64 -10.71 -1.50
CA PHE A 97 5.16 -12.05 -1.20
C PHE A 97 3.61 -12.09 -0.94
N GLU A 98 3.07 -11.20 -0.11
CA GLU A 98 1.65 -11.28 0.19
C GLU A 98 0.78 -11.00 -1.00
N TYR A 99 1.20 -10.03 -1.80
CA TYR A 99 0.46 -9.64 -2.98
C TYR A 99 0.43 -10.80 -3.95
N GLU A 100 1.59 -11.45 -4.14
CA GLU A 100 1.68 -12.57 -5.12
C GLU A 100 0.89 -13.79 -4.67
N LEU A 101 0.94 -14.12 -3.37
CA LEU A 101 0.03 -15.10 -2.78
C LEU A 101 -1.48 -14.91 -3.17
N ARG A 102 -2.01 -13.69 -3.09
CA ARG A 102 -3.40 -13.44 -3.50
C ARG A 102 -3.62 -13.66 -5.01
N LEU A 103 -2.71 -13.14 -5.83
CA LEU A 103 -2.84 -13.30 -7.27
C LEU A 103 -2.79 -14.76 -7.66
N THR A 104 -1.85 -15.50 -7.08
CA THR A 104 -1.71 -16.92 -7.41
C THR A 104 -2.87 -17.79 -6.90
N SER A 105 -3.43 -17.45 -5.73
CA SER A 105 -4.61 -18.11 -5.25
C SER A 105 -5.75 -17.96 -6.28
N MET A 106 -5.92 -16.78 -6.83
CA MET A 106 -6.95 -16.57 -7.83
C MET A 106 -6.64 -17.20 -9.21
N ASN A 107 -5.42 -17.00 -9.69
CA ASN A 107 -5.00 -17.72 -10.92
C ASN A 107 -5.22 -19.25 -10.88
N LYS A 108 -4.96 -19.88 -9.75
CA LYS A 108 -5.18 -21.30 -9.59
C LYS A 108 -6.65 -21.67 -9.71
N LYS A 109 -7.55 -20.82 -9.18
CA LYS A 109 -8.98 -20.92 -9.41
C LYS A 109 -9.33 -20.74 -10.89
N LEU A 110 -8.75 -19.77 -11.56
CA LEU A 110 -9.04 -19.53 -12.99
C LEU A 110 -8.52 -20.59 -13.93
N ASN A 111 -7.38 -21.14 -13.62
CA ASN A 111 -6.80 -22.24 -14.39
C ASN A 111 -5.84 -23.01 -13.55
N ASN A 112 -6.28 -24.18 -13.11
CA ASN A 112 -5.54 -25.05 -12.17
C ASN A 112 -4.28 -25.69 -12.77
N GLU A 113 -4.19 -25.65 -14.10
CA GLU A 113 -3.11 -26.31 -14.84
C GLU A 113 -1.89 -25.41 -15.06
N ILE A 114 -2.02 -24.11 -14.79
CA ILE A 114 -0.86 -23.22 -14.86
C ILE A 114 -0.30 -23.05 -13.39
N GLU A 115 1.02 -23.12 -13.25
CA GLU A 115 1.68 -22.92 -11.97
C GLU A 115 2.41 -21.61 -12.05
N THR A 116 2.48 -20.91 -10.92
CA THR A 116 3.33 -19.77 -10.77
C THR A 116 4.52 -20.15 -9.93
N LEU A 117 5.70 -19.91 -10.46
CA LEU A 117 6.95 -20.19 -9.78
C LEU A 117 7.60 -18.85 -9.48
N TYR A 118 8.17 -18.73 -8.28
CA TYR A 118 8.87 -17.50 -7.87
C TYR A 118 10.38 -17.68 -7.76
N MET A 119 11.15 -16.63 -8.06
CA MET A 119 12.57 -16.57 -7.82
C MET A 119 12.81 -15.35 -6.93
N MET A 120 13.79 -15.46 -6.03
CA MET A 120 14.14 -14.35 -5.14
C MET A 120 15.01 -13.41 -5.94
N SER A 121 14.70 -12.13 -5.87
CA SER A 121 15.49 -11.19 -6.57
C SER A 121 16.93 -11.26 -6.04
N SER A 122 17.89 -11.04 -6.91
CA SER A 122 19.26 -11.10 -6.46
C SER A 122 19.47 -9.89 -5.53
N THR A 123 20.43 -10.04 -4.63
CA THR A 123 20.58 -9.11 -3.52
C THR A 123 20.96 -7.69 -3.98
N ASN A 124 21.79 -7.59 -5.00
CA ASN A 124 22.09 -6.27 -5.61
C ASN A 124 20.89 -5.49 -6.11
N TYR A 125 19.83 -6.20 -6.55
CA TYR A 125 18.66 -5.60 -7.24
C TYR A 125 17.36 -5.62 -6.50
N SER A 126 17.42 -6.10 -5.28
CA SER A 126 16.26 -6.19 -4.43
C SER A 126 15.47 -4.86 -4.22
N PHE A 127 16.15 -3.74 -4.24
CA PHE A 127 15.49 -2.45 -3.93
C PHE A 127 15.00 -1.70 -5.20
N ILE A 128 15.22 -2.25 -6.36
CA ILE A 128 14.92 -1.59 -7.59
C ILE A 128 13.46 -1.89 -8.03
N SER A 129 12.72 -0.83 -8.37
CA SER A 129 11.40 -0.87 -8.97
C SER A 129 11.46 0.13 -10.10
N SER A 130 10.53 0.04 -11.05
CA SER A 130 10.32 1.10 -12.03
C SER A 130 10.03 2.45 -11.38
N SER A 131 9.19 2.43 -10.35
CA SER A 131 8.91 3.65 -9.64
C SER A 131 10.12 4.43 -9.05
N ILE A 132 11.00 3.77 -8.31
CA ILE A 132 12.11 4.53 -7.71
C ILE A 132 13.15 4.94 -8.76
N VAL A 133 13.30 4.15 -9.83
CA VAL A 133 14.21 4.54 -10.92
C VAL A 133 13.74 5.84 -11.59
N LYS A 134 12.44 5.90 -11.91
CA LYS A 134 11.81 7.11 -12.42
C LYS A 134 11.94 8.29 -11.48
N GLU A 135 11.83 8.08 -10.17
CA GLU A 135 11.89 9.20 -9.26
C GLU A 135 13.31 9.80 -9.26
N VAL A 136 14.29 8.96 -9.13
CA VAL A 136 15.69 9.37 -9.10
C VAL A 136 16.16 9.95 -10.47
N ALA A 137 15.66 9.37 -11.55
CA ALA A 137 15.85 9.92 -12.88
C ALA A 137 15.30 11.35 -13.04
N ALA A 138 14.14 11.62 -12.44
CA ALA A 138 13.55 12.95 -12.46
C ALA A 138 14.48 13.94 -11.82
N TYR A 139 15.30 13.51 -10.84
CA TYR A 139 16.31 14.35 -10.24
C TYR A 139 17.73 14.32 -10.88
N ARG A 140 17.85 13.72 -12.07
CA ARG A 140 19.14 13.64 -12.76
C ARG A 140 20.21 12.84 -12.10
N ALA A 141 19.82 11.86 -11.26
CA ALA A 141 20.78 10.96 -10.64
C ALA A 141 21.40 10.06 -11.70
N ASP A 142 22.56 9.53 -11.41
CA ASP A 142 23.20 8.52 -12.29
C ASP A 142 22.40 7.21 -12.16
N ILE A 143 21.91 6.71 -13.29
CA ILE A 143 20.99 5.55 -13.28
C ILE A 143 21.53 4.35 -14.03
N SER A 144 22.76 4.45 -14.50
CA SER A 144 23.44 3.34 -15.20
C SER A 144 23.51 2.01 -14.42
N GLU A 145 23.48 2.00 -13.08
CA GLU A 145 23.51 0.75 -12.34
C GLU A 145 22.10 0.14 -12.19
N PHE A 146 21.06 0.83 -12.61
CA PHE A 146 19.67 0.38 -12.32
C PHE A 146 18.95 -0.12 -13.54
N VAL A 147 19.32 0.42 -14.71
CA VAL A 147 18.62 0.10 -15.96
C VAL A 147 19.59 -0.11 -17.12
N PRO A 148 19.21 -0.98 -18.11
CA PRO A 148 20.02 -1.13 -19.31
C PRO A 148 20.17 0.15 -20.13
N PRO A 149 21.22 0.23 -20.97
CA PRO A 149 21.57 1.50 -21.68
C PRO A 149 20.49 2.10 -22.54
N TYR A 150 19.72 1.28 -23.20
CA TYR A 150 18.60 1.78 -24.01
C TYR A 150 17.48 2.38 -23.16
N VAL A 151 17.24 1.82 -21.98
CA VAL A 151 16.29 2.39 -21.06
C VAL A 151 16.85 3.68 -20.40
N GLU A 152 18.12 3.64 -20.00
CA GLU A 152 18.82 4.80 -19.51
C GLU A 152 18.61 6.02 -20.44
N LYS A 153 18.79 5.81 -21.75
CA LYS A 153 18.56 6.86 -22.71
C LYS A 153 17.13 7.34 -22.69
N ALA A 154 16.17 6.41 -22.70
CA ALA A 154 14.79 6.81 -22.71
C ALA A 154 14.41 7.60 -21.45
N LEU A 155 14.98 7.24 -20.31
CA LEU A 155 14.69 7.97 -19.09
C LEU A 155 15.30 9.38 -19.10
N LYS A 156 16.54 9.48 -19.52
CA LYS A 156 17.17 10.80 -19.63
C LYS A 156 16.38 11.70 -20.65
N LYS A 157 15.96 11.13 -21.75
CA LYS A 157 15.14 11.89 -22.71
C LYS A 157 13.82 12.39 -22.10
N LYS A 158 13.20 11.57 -21.27
CA LYS A 158 11.93 11.88 -20.66
C LYS A 158 12.12 13.00 -19.63
N PHE A 159 13.15 12.89 -18.80
CA PHE A 159 13.19 13.71 -17.61
C PHE A 159 14.19 14.83 -17.69
N LYS A 160 14.84 14.90 -18.85
CA LYS A 160 16.28 15.18 -18.96
C LYS A 160 17.22 14.80 -17.75
N MET B 1 -26.47 -12.61 30.26
CA MET B 1 -25.97 -11.60 29.31
C MET B 1 -27.17 -10.82 28.75
N GLU B 2 -27.13 -9.51 28.92
CA GLU B 2 -28.06 -8.62 28.25
C GLU B 2 -27.90 -8.61 26.71
N HIS B 3 -28.79 -7.89 26.05
CA HIS B 3 -28.86 -7.80 24.62
C HIS B 3 -27.56 -7.30 23.97
N THR B 4 -26.98 -8.08 23.05
CA THR B 4 -25.72 -7.67 22.40
C THR B 4 -25.92 -7.36 20.91
N ILE B 5 -25.27 -6.28 20.43
CA ILE B 5 -25.21 -5.94 19.03
C ILE B 5 -23.75 -5.92 18.62
N ALA B 6 -23.43 -6.58 17.50
CA ALA B 6 -22.08 -6.39 16.94
C ALA B 6 -22.12 -5.72 15.60
N VAL B 7 -21.12 -4.91 15.29
CA VAL B 7 -21.14 -4.14 14.07
C VAL B 7 -20.00 -4.63 13.13
N ILE B 8 -20.36 -4.84 11.84
CA ILE B 8 -19.45 -5.31 10.79
C ILE B 8 -19.37 -4.23 9.77
N PRO B 9 -18.31 -3.41 9.85
CA PRO B 9 -18.18 -2.31 8.98
C PRO B 9 -17.47 -2.63 7.67
N GLY B 10 -17.69 -1.85 6.65
CA GLY B 10 -16.94 -2.03 5.40
C GLY B 10 -17.43 -1.13 4.30
N SER B 11 -16.76 -1.12 3.14
CA SER B 11 -17.36 -0.52 1.95
C SER B 11 -18.21 -1.46 1.08
N PHE B 12 -17.93 -2.76 1.06
CA PHE B 12 -18.74 -3.79 0.38
C PHE B 12 -19.04 -3.42 -1.04
N ASP B 13 -17.99 -3.31 -1.86
CA ASP B 13 -18.09 -2.78 -3.22
C ASP B 13 -17.66 -3.78 -4.25
N PRO B 14 -18.42 -4.88 -4.38
CA PRO B 14 -19.58 -5.40 -3.70
C PRO B 14 -19.12 -6.41 -2.60
N ILE B 15 -20.06 -6.73 -1.75
CA ILE B 15 -19.95 -7.84 -0.84
C ILE B 15 -19.58 -9.10 -1.59
N THR B 16 -18.72 -9.91 -0.96
CA THR B 16 -18.26 -11.17 -1.51
C THR B 16 -18.46 -12.25 -0.49
N TYR B 17 -18.19 -13.48 -0.89
CA TYR B 17 -18.12 -14.58 0.05
C TYR B 17 -17.06 -14.43 1.16
N GLY B 18 -15.96 -13.74 0.91
CA GLY B 18 -15.00 -13.34 1.99
C GLY B 18 -15.68 -12.54 3.11
N HIS B 19 -16.54 -11.58 2.76
CA HIS B 19 -17.31 -10.79 3.77
C HIS B 19 -18.38 -11.65 4.44
N LEU B 20 -19.12 -12.40 3.63
CA LEU B 20 -20.17 -13.33 4.17
C LEU B 20 -19.72 -14.41 5.09
N ASP B 21 -18.49 -14.92 4.89
CA ASP B 21 -17.76 -15.89 5.75
C ASP B 21 -17.79 -15.32 7.17
N ILE B 22 -17.39 -14.05 7.30
CA ILE B 22 -17.35 -13.36 8.60
C ILE B 22 -18.73 -13.11 9.16
N ILE B 23 -19.62 -12.60 8.32
CA ILE B 23 -21.00 -12.34 8.77
C ILE B 23 -21.72 -13.63 9.26
N GLU B 24 -21.66 -14.73 8.52
CA GLU B 24 -22.26 -16.02 8.98
C GLU B 24 -21.59 -16.66 10.17
N ARG B 25 -20.34 -16.33 10.42
CA ARG B 25 -19.68 -16.80 11.61
C ARG B 25 -20.00 -15.95 12.82
N SER B 26 -20.64 -14.80 12.63
CA SER B 26 -20.93 -13.93 13.76
CA SER B 26 -20.93 -13.88 13.72
C SER B 26 -22.41 -13.93 14.17
N THR B 27 -23.30 -14.30 13.25
CA THR B 27 -24.77 -14.28 13.51
C THR B 27 -25.21 -15.09 14.74
N ASP B 28 -24.56 -16.23 15.03
CA ASP B 28 -24.95 -17.04 16.21
C ASP B 28 -24.32 -16.57 17.55
N ARG B 29 -23.46 -15.57 17.49
CA ARG B 29 -22.66 -15.20 18.68
C ARG B 29 -23.09 -13.89 19.27
N PHE B 30 -24.05 -13.18 18.63
CA PHE B 30 -24.63 -11.97 19.19
C PHE B 30 -26.14 -11.95 18.93
N ASP B 31 -26.88 -11.17 19.70
CA ASP B 31 -28.34 -11.03 19.46
C ASP B 31 -28.63 -10.43 18.08
N GLU B 32 -27.88 -9.40 17.69
CA GLU B 32 -28.01 -8.74 16.41
C GLU B 32 -26.64 -8.38 15.79
N ILE B 33 -26.62 -8.37 14.47
CA ILE B 33 -25.46 -7.95 13.69
C ILE B 33 -25.94 -6.80 12.84
N HIS B 34 -25.23 -5.67 12.92
CA HIS B 34 -25.38 -4.61 11.97
C HIS B 34 -24.22 -4.59 11.00
N VAL B 35 -24.49 -4.75 9.72
CA VAL B 35 -23.56 -4.45 8.66
C VAL B 35 -23.67 -2.99 8.29
N CYS B 36 -22.56 -2.28 8.51
CA CYS B 36 -22.55 -0.84 8.44
C CYS B 36 -21.63 -0.39 7.30
N VAL B 37 -22.17 0.44 6.42
CA VAL B 37 -21.54 0.84 5.16
C VAL B 37 -21.30 2.36 5.30
N LEU B 38 -20.17 2.84 4.79
CA LEU B 38 -19.72 4.25 4.98
C LEU B 38 -20.50 5.28 4.10
N LYS B 39 -20.84 6.44 4.70
CA LYS B 39 -21.44 7.66 4.06
C LYS B 39 -22.88 7.45 3.63
N GLU B 44 -16.44 7.93 -5.46
CA GLU B 44 -17.13 6.75 -5.93
C GLU B 44 -16.15 5.56 -5.94
N GLY B 45 -16.76 4.38 -5.94
CA GLY B 45 -16.15 3.11 -6.36
C GLY B 45 -17.24 2.59 -7.31
N THR B 46 -17.25 1.31 -7.63
CA THR B 46 -17.97 0.92 -8.82
C THR B 46 -19.50 0.80 -8.61
N PHE B 47 -19.97 0.60 -7.38
CA PHE B 47 -21.44 0.53 -7.11
C PHE B 47 -21.83 1.66 -6.18
N SER B 48 -23.00 2.27 -6.41
CA SER B 48 -23.44 3.38 -5.53
C SER B 48 -23.73 2.79 -4.17
N LEU B 49 -23.84 3.65 -3.17
CA LEU B 49 -24.25 3.25 -1.84
C LEU B 49 -25.55 2.44 -1.79
N GLU B 50 -26.56 2.91 -2.50
CA GLU B 50 -27.85 2.31 -2.48
C GLU B 50 -27.72 0.91 -3.09
N GLU B 51 -26.95 0.75 -4.17
CA GLU B 51 -26.70 -0.56 -4.78
C GLU B 51 -25.98 -1.50 -3.82
N ARG B 52 -24.99 -0.94 -3.08
CA ARG B 52 -24.14 -1.76 -2.22
C ARG B 52 -25.00 -2.30 -1.09
N MET B 53 -25.86 -1.42 -0.56
CA MET B 53 -26.82 -1.79 0.47
C MET B 53 -27.83 -2.82 0.03
N ASP B 54 -28.35 -2.66 -1.18
CA ASP B 54 -29.24 -3.69 -1.78
C ASP B 54 -28.54 -5.05 -1.92
N LEU B 55 -27.28 -5.05 -2.36
CA LEU B 55 -26.57 -6.32 -2.57
C LEU B 55 -26.36 -7.03 -1.24
N ILE B 56 -26.04 -6.26 -0.22
CA ILE B 56 -25.84 -6.85 1.08
C ILE B 56 -27.18 -7.42 1.56
N GLU B 57 -28.24 -6.63 1.48
CA GLU B 57 -29.52 -7.12 2.04
C GLU B 57 -29.94 -8.43 1.41
N GLN B 58 -29.83 -8.54 0.09
CA GLN B 58 -30.13 -9.80 -0.61
C GLN B 58 -29.19 -10.97 -0.25
N SER B 59 -27.90 -10.66 0.02
CA SER B 59 -26.93 -11.66 0.35
C SER B 59 -27.04 -12.14 1.80
N VAL B 60 -27.69 -11.36 2.70
CA VAL B 60 -27.86 -11.76 4.09
C VAL B 60 -29.34 -12.08 4.55
N LYS B 61 -30.29 -11.99 3.66
CA LYS B 61 -31.70 -12.14 4.08
C LYS B 61 -32.06 -13.54 4.55
N HIS B 62 -31.21 -14.53 4.27
CA HIS B 62 -31.32 -15.87 4.83
C HIS B 62 -30.91 -16.04 6.29
N LEU B 63 -30.22 -15.04 6.84
CA LEU B 63 -29.86 -15.08 8.24
C LEU B 63 -30.97 -14.40 9.10
N PRO B 64 -31.04 -14.71 10.38
CA PRO B 64 -32.14 -14.24 11.20
C PRO B 64 -32.04 -12.80 11.69
N ASN B 65 -30.83 -12.28 11.86
CA ASN B 65 -30.67 -11.15 12.80
C ASN B 65 -29.63 -10.10 12.25
N VAL B 66 -29.57 -9.96 10.93
CA VAL B 66 -28.58 -9.11 10.29
C VAL B 66 -29.28 -7.94 9.65
N LYS B 67 -28.95 -6.74 10.12
CA LYS B 67 -29.47 -5.49 9.58
C LYS B 67 -28.39 -4.76 8.83
N VAL B 68 -28.74 -4.00 7.81
CA VAL B 68 -27.84 -3.28 6.94
C VAL B 68 -28.13 -1.80 7.01
N HIS B 69 -27.14 -1.04 7.48
CA HIS B 69 -27.27 0.39 7.76
C HIS B 69 -26.11 1.19 7.16
N GLN B 70 -26.37 2.47 6.90
CA GLN B 70 -25.36 3.48 6.55
C GLN B 70 -25.11 4.52 7.64
N PHE B 71 -23.95 5.20 7.53
CA PHE B 71 -23.42 6.28 8.45
C PHE B 71 -22.19 6.73 7.63
N SER B 72 -21.69 7.96 7.47
CA SER B 72 -22.00 9.27 8.03
C SER B 72 -20.79 9.63 8.94
N GLY B 73 -20.89 9.55 10.25
CA GLY B 73 -19.77 9.90 11.13
C GLY B 73 -18.79 8.76 11.40
N LEU B 74 -18.24 8.80 12.59
CA LEU B 74 -17.33 7.82 13.09
C LEU B 74 -18.02 6.50 13.38
N LEU B 75 -17.34 5.43 13.05
CA LEU B 75 -17.85 4.12 13.37
C LEU B 75 -18.18 3.97 14.82
N VAL B 76 -17.29 4.40 15.70
CA VAL B 76 -17.47 4.26 17.14
C VAL B 76 -18.72 5.04 17.65
N ASP B 77 -19.04 6.13 16.98
CA ASP B 77 -20.24 6.91 17.30
C ASP B 77 -21.50 6.17 16.84
N TYR B 78 -21.44 5.54 15.65
CA TYR B 78 -22.48 4.58 15.23
C TYR B 78 -22.70 3.50 16.26
N CYS B 79 -21.62 2.94 16.80
CA CYS B 79 -21.77 1.93 17.80
C CYS B 79 -22.47 2.48 19.06
N GLU B 80 -22.05 3.63 19.55
CA GLU B 80 -22.70 4.25 20.71
C GLU B 80 -24.19 4.55 20.45
N GLN B 81 -24.54 5.14 19.31
CA GLN B 81 -25.93 5.45 18.94
C GLN B 81 -26.84 4.20 18.97
N VAL B 82 -26.30 3.04 18.65
CA VAL B 82 -27.07 1.90 18.39
C VAL B 82 -26.99 0.95 19.60
N GLY B 83 -26.14 1.24 20.57
CA GLY B 83 -25.90 0.32 21.66
C GLY B 83 -25.08 -0.92 21.32
N ALA B 84 -24.23 -0.85 20.30
CA ALA B 84 -23.31 -1.97 20.03
C ALA B 84 -22.04 -1.77 20.84
N LYS B 85 -21.57 -2.79 21.52
CA LYS B 85 -20.31 -2.67 22.24
C LYS B 85 -19.12 -3.43 21.56
N THR B 86 -19.39 -3.95 20.35
CA THR B 86 -18.41 -4.78 19.62
C THR B 86 -18.38 -4.43 18.13
N ILE B 87 -17.16 -4.32 17.58
CA ILE B 87 -16.86 -4.25 16.12
C ILE B 87 -16.19 -5.55 15.72
N ILE B 88 -16.65 -6.17 14.64
CA ILE B 88 -16.08 -7.40 14.15
C ILE B 88 -15.44 -7.16 12.78
N ARG B 89 -14.21 -7.64 12.67
CA ARG B 89 -13.40 -7.47 11.49
C ARG B 89 -12.74 -8.82 11.16
N GLY B 90 -12.57 -9.11 9.87
CA GLY B 90 -11.89 -10.33 9.40
C GLY B 90 -10.37 -10.03 9.23
N LEU B 91 -9.49 -11.01 9.43
CA LEU B 91 -8.06 -10.85 9.10
C LEU B 91 -7.72 -11.91 8.06
N ARG B 92 -7.07 -11.51 6.96
CA ARG B 92 -6.61 -12.48 5.95
C ARG B 92 -5.08 -12.64 5.95
N ALA B 93 -4.36 -11.53 6.12
CA ALA B 93 -2.91 -11.48 5.86
C ALA B 93 -2.19 -10.58 6.83
N VAL B 94 -0.86 -10.67 6.82
CA VAL B 94 -0.08 -9.76 7.57
C VAL B 94 -0.43 -8.29 7.30
N SER B 95 -0.79 -7.93 6.08
CA SER B 95 -0.92 -6.47 5.80
C SER B 95 -2.27 -5.96 6.32
N ASP B 96 -3.30 -6.80 6.22
CA ASP B 96 -4.55 -6.59 7.01
C ASP B 96 -4.28 -6.38 8.47
N PHE B 97 -3.50 -7.26 9.04
CA PHE B 97 -3.16 -7.17 10.49
C PHE B 97 -2.57 -5.85 10.92
N GLU B 98 -1.56 -5.37 10.19
CA GLU B 98 -0.90 -4.13 10.62
C GLU B 98 -1.84 -2.93 10.51
N TYR B 99 -2.57 -2.87 9.41
CA TYR B 99 -3.56 -1.81 9.21
C TYR B 99 -4.63 -1.82 10.34
N GLU B 100 -5.15 -3.00 10.67
CA GLU B 100 -6.22 -3.14 11.69
C GLU B 100 -5.72 -2.75 13.06
N LEU B 101 -4.43 -2.96 13.31
CA LEU B 101 -3.85 -2.61 14.61
C LEU B 101 -3.83 -1.10 14.77
N ARG B 102 -3.43 -0.42 13.71
CA ARG B 102 -3.46 1.03 13.76
C ARG B 102 -4.89 1.59 13.99
N LEU B 103 -5.90 1.01 13.32
CA LEU B 103 -7.29 1.44 13.45
C LEU B 103 -7.85 1.19 14.82
N THR B 104 -7.58 0.03 15.40
CA THR B 104 -8.11 -0.29 16.75
C THR B 104 -7.39 0.52 17.83
N SER B 105 -6.09 0.79 17.65
CA SER B 105 -5.40 1.66 18.60
C SER B 105 -6.10 3.06 18.65
N MET B 106 -6.47 3.57 17.49
CA MET B 106 -7.14 4.82 17.45
C MET B 106 -8.57 4.76 17.98
N ASN B 107 -9.34 3.78 17.50
CA ASN B 107 -10.72 3.61 18.04
C ASN B 107 -10.83 3.46 19.57
N LYS B 108 -9.82 2.86 20.21
CA LYS B 108 -9.76 2.81 21.67
C LYS B 108 -9.53 4.16 22.34
N LYS B 109 -8.79 5.05 21.69
CA LYS B 109 -8.71 6.43 22.14
C LYS B 109 -10.06 7.08 21.96
N LEU B 110 -10.70 6.88 20.80
CA LEU B 110 -11.98 7.56 20.52
C LEU B 110 -13.11 7.12 21.46
N ASN B 111 -13.20 5.82 21.70
CA ASN B 111 -14.17 5.24 22.63
C ASN B 111 -13.69 3.90 23.21
N ASN B 112 -13.21 3.93 24.45
CA ASN B 112 -12.57 2.76 25.05
C ASN B 112 -13.57 1.76 25.61
N GLU B 113 -14.84 2.07 25.48
CA GLU B 113 -15.94 1.13 25.74
C GLU B 113 -16.28 0.19 24.58
N ILE B 114 -15.73 0.41 23.39
CA ILE B 114 -16.06 -0.45 22.22
C ILE B 114 -14.87 -1.35 22.03
N GLU B 115 -15.07 -2.67 21.93
CA GLU B 115 -13.97 -3.61 21.62
C GLU B 115 -14.07 -4.04 20.19
N THR B 116 -12.91 -4.22 19.58
CA THR B 116 -12.82 -4.76 18.19
C THR B 116 -12.35 -6.19 18.34
N LEU B 117 -13.13 -7.14 17.82
CA LEU B 117 -12.80 -8.56 17.86
C LEU B 117 -12.57 -9.04 16.45
N TYR B 118 -11.57 -9.88 16.25
CA TYR B 118 -11.18 -10.28 14.95
C TYR B 118 -11.39 -11.76 14.78
N MET B 119 -11.67 -12.17 13.56
CA MET B 119 -11.63 -13.57 13.25
C MET B 119 -10.82 -13.79 11.98
N MET B 120 -10.15 -14.92 11.91
CA MET B 120 -9.33 -15.26 10.74
C MET B 120 -10.24 -15.70 9.60
N SER B 121 -10.10 -15.13 8.43
CA SER B 121 -10.82 -15.67 7.23
C SER B 121 -10.59 -17.15 7.02
N SER B 122 -11.60 -17.85 6.51
CA SER B 122 -11.40 -19.27 6.31
C SER B 122 -10.38 -19.42 5.17
N THR B 123 -9.73 -20.57 5.11
CA THR B 123 -8.62 -20.68 4.17
C THR B 123 -9.12 -20.51 2.69
N ASN B 124 -10.32 -21.00 2.43
CA ASN B 124 -10.91 -20.90 1.09
C ASN B 124 -11.20 -19.51 0.60
N TYR B 125 -11.34 -18.54 1.51
CA TYR B 125 -11.73 -17.18 1.14
C TYR B 125 -10.72 -16.12 1.48
N SER B 126 -9.55 -16.48 1.95
CA SER B 126 -8.57 -15.50 2.33
C SER B 126 -8.27 -14.53 1.17
N PHE B 127 -8.05 -15.08 -0.02
CA PHE B 127 -7.57 -14.29 -1.19
C PHE B 127 -8.61 -13.40 -1.85
N ILE B 128 -9.86 -13.48 -1.43
CA ILE B 128 -10.93 -12.81 -2.14
C ILE B 128 -10.94 -11.38 -1.62
N SER B 129 -11.21 -10.44 -2.49
CA SER B 129 -11.45 -9.05 -2.10
C SER B 129 -12.44 -8.62 -3.16
N SER B 130 -13.16 -7.57 -2.84
CA SER B 130 -13.98 -6.89 -3.84
C SER B 130 -13.15 -6.55 -5.08
N SER B 131 -11.95 -6.04 -4.87
CA SER B 131 -11.09 -5.63 -5.99
C SER B 131 -10.77 -6.76 -6.99
N ILE B 132 -10.31 -7.89 -6.50
CA ILE B 132 -9.94 -8.95 -7.40
C ILE B 132 -11.16 -9.61 -8.09
N VAL B 133 -12.29 -9.55 -7.44
CA VAL B 133 -13.55 -10.06 -8.02
C VAL B 133 -13.97 -9.21 -9.19
N LYS B 134 -13.84 -7.90 -9.05
CA LYS B 134 -14.19 -6.98 -10.14
C LYS B 134 -13.24 -7.13 -11.30
N GLU B 135 -11.97 -7.38 -10.98
CA GLU B 135 -10.97 -7.61 -12.04
C GLU B 135 -11.38 -8.78 -12.92
N VAL B 136 -11.55 -9.91 -12.30
CA VAL B 136 -11.98 -11.13 -12.93
C VAL B 136 -13.35 -11.05 -13.64
N ALA B 137 -14.31 -10.33 -13.05
CA ALA B 137 -15.61 -10.14 -13.68
C ALA B 137 -15.49 -9.34 -14.99
N ALA B 138 -14.62 -8.32 -14.99
CA ALA B 138 -14.29 -7.48 -16.17
C ALA B 138 -13.75 -8.29 -17.32
N TYR B 139 -13.04 -9.38 -17.04
CA TYR B 139 -12.59 -10.34 -18.07
C TYR B 139 -13.60 -11.46 -18.32
N ARG B 140 -14.73 -11.40 -17.62
CA ARG B 140 -15.81 -12.36 -17.79
C ARG B 140 -15.39 -13.76 -17.52
N ALA B 141 -14.54 -13.96 -16.51
CA ALA B 141 -14.32 -15.27 -15.98
C ALA B 141 -15.56 -15.69 -15.16
N ASP B 142 -15.67 -16.97 -14.84
CA ASP B 142 -16.75 -17.49 -13.97
C ASP B 142 -16.48 -17.04 -12.53
N ILE B 143 -17.38 -16.24 -11.97
CA ILE B 143 -17.17 -15.70 -10.63
C ILE B 143 -18.12 -16.31 -9.57
N SER B 144 -18.86 -17.35 -9.93
CA SER B 144 -19.84 -18.00 -9.02
C SER B 144 -19.24 -18.61 -7.77
N GLU B 145 -17.94 -18.90 -7.75
CA GLU B 145 -17.30 -19.34 -6.52
C GLU B 145 -17.01 -18.22 -5.50
N PHE B 146 -17.16 -16.97 -5.92
CA PHE B 146 -16.56 -15.83 -5.19
C PHE B 146 -17.62 -14.97 -4.55
N VAL B 147 -18.81 -14.93 -5.18
CA VAL B 147 -19.90 -14.06 -4.75
C VAL B 147 -21.22 -14.78 -4.80
N PRO B 148 -22.18 -14.38 -3.95
CA PRO B 148 -23.56 -14.94 -4.10
C PRO B 148 -24.25 -14.60 -5.43
N PRO B 149 -25.29 -15.38 -5.83
CA PRO B 149 -25.97 -15.20 -7.14
C PRO B 149 -26.51 -13.81 -7.42
N TYR B 150 -27.14 -13.16 -6.46
CA TYR B 150 -27.62 -11.82 -6.68
C TYR B 150 -26.44 -10.85 -7.00
N VAL B 151 -25.30 -10.98 -6.31
CA VAL B 151 -24.14 -10.18 -6.64
C VAL B 151 -23.51 -10.58 -7.97
N GLU B 152 -23.47 -11.87 -8.25
CA GLU B 152 -22.95 -12.38 -9.52
C GLU B 152 -23.69 -11.72 -10.66
N LYS B 153 -25.01 -11.69 -10.56
CA LYS B 153 -25.85 -11.04 -11.59
C LYS B 153 -25.53 -9.57 -11.74
N ALA B 154 -25.37 -8.86 -10.63
CA ALA B 154 -25.07 -7.43 -10.74
C ALA B 154 -23.68 -7.18 -11.36
N LEU B 155 -22.68 -7.99 -11.02
CA LEU B 155 -21.35 -7.80 -11.61
C LEU B 155 -21.35 -8.06 -13.12
N LYS B 156 -22.00 -9.13 -13.53
CA LYS B 156 -22.08 -9.46 -14.94
C LYS B 156 -22.67 -8.32 -15.75
N LYS B 157 -23.69 -7.67 -15.20
CA LYS B 157 -24.34 -6.58 -15.91
C LYS B 157 -23.46 -5.33 -15.92
N LYS B 158 -22.76 -5.03 -14.82
CA LYS B 158 -21.74 -3.97 -14.83
C LYS B 158 -20.73 -4.17 -15.95
N PHE B 159 -20.25 -5.39 -16.13
CA PHE B 159 -19.12 -5.69 -17.01
C PHE B 159 -19.47 -6.39 -18.31
N LYS B 160 -20.75 -6.34 -18.69
CA LYS B 160 -21.28 -6.63 -20.03
C LYS B 160 -21.97 -7.96 -20.16
N MET C 1 34.34 14.90 19.04
CA MET C 1 34.63 14.84 17.58
C MET C 1 34.02 16.05 16.88
N GLU C 2 34.06 16.06 15.55
CA GLU C 2 33.70 17.24 14.79
C GLU C 2 32.22 17.62 14.96
N HIS C 3 31.88 18.81 14.47
CA HIS C 3 30.51 19.29 14.41
C HIS C 3 29.58 18.34 13.62
N THR C 4 28.40 18.01 14.17
CA THR C 4 27.51 17.05 13.54
C THR C 4 26.17 17.62 13.26
N ILE C 5 25.61 17.32 12.09
CA ILE C 5 24.26 17.75 11.72
C ILE C 5 23.54 16.50 11.25
N ALA C 6 22.28 16.33 11.68
CA ALA C 6 21.41 15.27 11.21
C ALA C 6 20.20 15.92 10.58
N VAL C 7 19.66 15.25 9.57
CA VAL C 7 18.54 15.73 8.84
C VAL C 7 17.36 14.79 9.08
N ILE C 8 16.21 15.38 9.43
CA ILE C 8 14.99 14.61 9.63
C ILE C 8 14.02 15.06 8.52
N PRO C 9 13.88 14.23 7.48
CA PRO C 9 13.07 14.58 6.36
C PRO C 9 11.61 14.15 6.54
N GLY C 10 10.70 14.77 5.81
CA GLY C 10 9.29 14.38 5.84
C GLY C 10 8.42 15.32 5.04
N SER C 11 7.18 14.94 4.78
CA SER C 11 6.24 15.88 4.20
C SER C 11 5.47 16.69 5.33
N PHE C 12 5.47 16.17 6.55
CA PHE C 12 4.91 16.84 7.69
C PHE C 12 3.56 17.46 7.33
N ASP C 13 2.59 16.60 6.99
CA ASP C 13 1.28 17.06 6.47
C ASP C 13 0.04 16.70 7.31
N PRO C 14 -0.03 17.20 8.57
CA PRO C 14 0.88 18.09 9.25
C PRO C 14 1.81 17.31 10.12
N ILE C 15 2.74 18.02 10.74
CA ILE C 15 3.50 17.48 11.80
C ILE C 15 2.63 17.05 12.97
N THR C 16 3.00 15.91 13.58
CA THR C 16 2.31 15.26 14.70
C THR C 16 3.33 15.05 15.81
N TYR C 17 2.83 14.61 16.97
CA TYR C 17 3.63 14.15 18.06
C TYR C 17 4.49 12.89 17.73
N GLY C 18 4.06 12.09 16.77
CA GLY C 18 4.89 10.96 16.27
C GLY C 18 6.21 11.50 15.73
N HIS C 19 6.09 12.56 14.92
CA HIS C 19 7.23 13.26 14.32
C HIS C 19 8.04 13.97 15.38
N LEU C 20 7.38 14.64 16.33
CA LEU C 20 8.12 15.42 17.33
C LEU C 20 8.86 14.59 18.35
N ASP C 21 8.36 13.41 18.67
CA ASP C 21 9.04 12.46 19.54
C ASP C 21 10.46 12.11 18.98
N ILE C 22 10.52 11.74 17.71
CA ILE C 22 11.79 11.50 16.98
C ILE C 22 12.70 12.72 16.95
N ILE C 23 12.13 13.88 16.65
CA ILE C 23 12.91 15.14 16.63
C ILE C 23 13.51 15.44 18.01
N GLU C 24 12.67 15.32 19.03
CA GLU C 24 13.08 15.60 20.39
C GLU C 24 14.14 14.63 20.88
N ARG C 25 13.95 13.35 20.56
CA ARG C 25 14.89 12.30 20.94
C ARG C 25 16.25 12.41 20.23
N SER C 26 16.27 13.18 19.15
CA SER C 26 17.46 13.35 18.35
C SER C 26 18.28 14.60 18.71
N THR C 27 17.69 15.62 19.35
CA THR C 27 18.36 16.91 19.61
C THR C 27 19.62 16.86 20.54
N ASP C 28 19.68 15.89 21.45
CA ASP C 28 20.83 15.73 22.37
C ASP C 28 21.98 14.88 21.80
N ARG C 29 21.77 14.35 20.59
CA ARG C 29 22.68 13.41 19.95
C ARG C 29 23.47 13.96 18.75
N PHE C 30 23.19 15.20 18.33
CA PHE C 30 23.81 15.87 17.20
C PHE C 30 23.94 17.35 17.57
N ASP C 31 24.88 18.08 16.99
CA ASP C 31 25.01 19.51 17.29
C ASP C 31 23.85 20.29 16.74
N GLU C 32 23.41 19.92 15.53
CA GLU C 32 22.25 20.56 14.90
C GLU C 32 21.31 19.54 14.28
N ILE C 33 20.01 19.84 14.29
CA ILE C 33 19.03 19.01 13.59
C ILE C 33 18.37 19.91 12.59
N HIS C 34 18.37 19.49 11.33
CA HIS C 34 17.59 20.14 10.28
C HIS C 34 16.36 19.32 9.96
N VAL C 35 15.17 19.90 10.17
CA VAL C 35 13.93 19.34 9.74
C VAL C 35 13.79 19.85 8.33
N CYS C 36 13.68 18.93 7.36
CA CYS C 36 13.70 19.27 5.93
CA CYS C 36 13.71 19.27 5.92
C CYS C 36 12.46 18.77 5.23
N VAL C 37 11.83 19.63 4.42
CA VAL C 37 10.61 19.26 3.67
C VAL C 37 10.84 19.51 2.17
N LEU C 38 10.33 18.62 1.30
CA LEU C 38 10.58 18.74 -0.17
C LEU C 38 9.81 19.91 -0.78
N LYS C 39 10.52 20.70 -1.58
CA LYS C 39 10.03 21.71 -2.56
C LYS C 39 9.98 23.10 -1.98
N GLY C 45 -1.57 17.36 -1.22
CA GLY C 45 -1.49 17.34 0.25
C GLY C 45 -2.47 18.34 0.83
N THR C 46 -2.79 18.20 2.12
CA THR C 46 -3.85 19.03 2.67
C THR C 46 -3.36 20.45 3.04
N PHE C 47 -2.20 20.58 3.67
CA PHE C 47 -1.61 21.90 3.98
C PHE C 47 -0.58 22.27 2.93
N SER C 48 -0.52 23.54 2.55
CA SER C 48 0.50 24.03 1.59
C SER C 48 1.90 23.92 2.17
N LEU C 49 2.92 24.05 1.32
CA LEU C 49 4.29 24.10 1.84
C LEU C 49 4.52 25.17 2.89
N GLU C 50 4.13 26.41 2.57
CA GLU C 50 4.31 27.52 3.53
C GLU C 50 3.62 27.18 4.86
N GLU C 51 2.39 26.65 4.80
CA GLU C 51 1.64 26.29 6.04
C GLU C 51 2.40 25.19 6.82
N ARG C 52 2.87 24.16 6.10
CA ARG C 52 3.56 23.03 6.77
C ARG C 52 4.82 23.48 7.45
N MET C 53 5.60 24.32 6.77
CA MET C 53 6.77 24.92 7.37
C MET C 53 6.42 25.74 8.61
N ASP C 54 5.31 26.49 8.53
CA ASP C 54 4.84 27.27 9.71
C ASP C 54 4.51 26.38 10.91
N LEU C 55 3.78 25.30 10.64
CA LEU C 55 3.41 24.34 11.72
C LEU C 55 4.61 23.70 12.39
N ILE C 56 5.63 23.35 11.59
CA ILE C 56 6.85 22.76 12.16
C ILE C 56 7.60 23.78 13.06
N GLU C 57 7.87 24.97 12.54
CA GLU C 57 8.61 26.00 13.27
C GLU C 57 7.94 26.29 14.58
N GLN C 58 6.63 26.49 14.56
CA GLN C 58 5.91 26.65 15.81
C GLN C 58 6.11 25.46 16.75
N SER C 59 6.08 24.21 16.21
CA SER C 59 6.06 23.03 17.07
C SER C 59 7.47 22.69 17.62
N VAL C 60 8.52 23.22 17.02
CA VAL C 60 9.89 22.97 17.52
C VAL C 60 10.57 24.22 18.11
N LYS C 61 9.79 25.28 18.33
CA LYS C 61 10.20 26.55 18.97
C LYS C 61 11.11 26.33 20.17
N HIS C 62 10.71 25.38 20.99
CA HIS C 62 11.36 25.07 22.25
C HIS C 62 12.69 24.27 22.18
N LEU C 63 13.09 23.84 20.98
CA LEU C 63 14.34 23.05 20.75
C LEU C 63 15.30 23.95 20.00
N PRO C 64 16.18 24.64 20.74
CA PRO C 64 16.97 25.69 20.07
C PRO C 64 17.95 25.20 18.97
N ASN C 65 18.33 23.93 18.99
CA ASN C 65 19.26 23.37 17.97
C ASN C 65 18.52 22.78 16.78
N VAL C 66 17.24 23.09 16.62
CA VAL C 66 16.47 22.61 15.48
C VAL C 66 16.17 23.69 14.48
N LYS C 67 16.56 23.45 13.22
CA LYS C 67 16.22 24.35 12.12
C LYS C 67 15.20 23.74 11.19
N VAL C 68 14.41 24.58 10.56
CA VAL C 68 13.45 24.09 9.58
C VAL C 68 13.83 24.62 8.21
N HIS C 69 14.00 23.73 7.23
CA HIS C 69 14.31 24.13 5.86
C HIS C 69 13.52 23.34 4.83
N GLN C 70 13.56 23.83 3.62
CA GLN C 70 12.96 23.17 2.52
C GLN C 70 13.96 23.12 1.37
N PHE C 71 13.71 22.23 0.42
CA PHE C 71 14.67 21.91 -0.64
C PHE C 71 13.93 21.23 -1.78
N SER C 72 14.35 21.51 -2.99
CA SER C 72 13.83 20.88 -4.16
C SER C 72 15.07 20.27 -4.80
N GLY C 73 15.17 18.97 -4.72
CA GLY C 73 16.38 18.21 -5.03
C GLY C 73 16.32 16.91 -4.23
N LEU C 74 17.30 16.04 -4.42
CA LEU C 74 17.42 14.82 -3.67
C LEU C 74 17.82 15.10 -2.25
N LEU C 75 17.25 14.34 -1.33
CA LEU C 75 17.68 14.44 0.05
C LEU C 75 19.18 14.33 0.28
N VAL C 76 19.87 13.35 -0.31
CA VAL C 76 21.30 13.22 -0.08
C VAL C 76 22.11 14.44 -0.60
N ASP C 77 21.56 15.13 -1.58
CA ASP C 77 22.21 16.36 -2.14
C ASP C 77 21.97 17.51 -1.16
N TYR C 78 20.79 17.58 -0.54
CA TYR C 78 20.62 18.49 0.59
C TYR C 78 21.63 18.23 1.69
N CYS C 79 21.77 16.97 2.09
CA CYS C 79 22.68 16.65 3.16
C CYS C 79 24.09 17.10 2.76
N GLU C 80 24.47 16.74 1.55
CA GLU C 80 25.75 17.19 1.02
C GLU C 80 25.94 18.72 0.98
N GLN C 81 24.97 19.53 0.53
CA GLN C 81 25.13 21.05 0.56
C GLN C 81 25.42 21.56 1.98
N VAL C 82 24.75 20.95 2.94
CA VAL C 82 24.65 21.46 4.27
C VAL C 82 25.74 20.84 5.17
N GLY C 83 26.43 19.81 4.71
CA GLY C 83 27.41 19.13 5.58
C GLY C 83 26.83 18.16 6.62
N ALA C 84 25.58 17.69 6.40
CA ALA C 84 25.01 16.62 7.21
C ALA C 84 25.54 15.24 6.74
N LYS C 85 25.95 14.37 7.68
CA LYS C 85 26.36 12.98 7.39
C LYS C 85 25.31 11.92 7.74
N THR C 86 24.15 12.36 8.28
CA THR C 86 23.19 11.48 8.92
C THR C 86 21.76 11.91 8.59
N ILE C 87 20.96 10.96 8.11
CA ILE C 87 19.53 11.08 8.00
C ILE C 87 18.90 10.30 9.15
N ILE C 88 17.94 10.91 9.84
CA ILE C 88 17.19 10.20 10.89
C ILE C 88 15.73 10.00 10.48
N ARG C 89 15.28 8.74 10.64
CA ARG C 89 13.97 8.30 10.24
C ARG C 89 13.33 7.51 11.41
N GLY C 90 12.03 7.63 11.59
CA GLY C 90 11.35 6.74 12.56
C GLY C 90 10.80 5.45 11.95
N LEU C 91 10.68 4.41 12.79
CA LEU C 91 9.97 3.19 12.36
C LEU C 91 8.84 2.91 13.35
N ARG C 92 7.65 2.65 12.83
CA ARG C 92 6.56 2.19 13.74
C ARG C 92 6.22 0.71 13.53
N ALA C 93 6.34 0.21 12.32
CA ALA C 93 5.73 -1.07 11.97
C ALA C 93 6.45 -1.70 10.80
N VAL C 94 6.05 -2.92 10.47
CA VAL C 94 6.74 -3.68 9.44
C VAL C 94 6.64 -3.05 8.03
N SER C 95 5.54 -2.34 7.78
CA SER C 95 5.33 -1.73 6.47
C SER C 95 6.32 -0.56 6.31
N ASP C 96 6.52 0.23 7.40
CA ASP C 96 7.60 1.23 7.51
C ASP C 96 8.95 0.64 7.25
N PHE C 97 9.23 -0.45 7.96
CA PHE C 97 10.49 -1.12 7.86
C PHE C 97 10.84 -1.50 6.41
N GLU C 98 9.96 -2.19 5.69
CA GLU C 98 10.33 -2.63 4.33
C GLU C 98 10.52 -1.43 3.38
N TYR C 99 9.65 -0.43 3.51
CA TYR C 99 9.76 0.78 2.73
C TYR C 99 11.05 1.57 2.98
N GLU C 100 11.40 1.70 4.24
CA GLU C 100 12.59 2.42 4.65
C GLU C 100 13.83 1.67 4.21
N LEU C 101 13.80 0.33 4.24
CA LEU C 101 14.89 -0.45 3.68
C LEU C 101 15.17 -0.14 2.20
N ARG C 102 14.13 -0.05 1.37
CA ARG C 102 14.26 0.27 -0.06
C ARG C 102 14.81 1.71 -0.31
N LEU C 103 14.33 2.68 0.48
CA LEU C 103 14.81 4.05 0.40
C LEU C 103 16.30 4.17 0.72
N THR C 104 16.74 3.51 1.80
CA THR C 104 18.13 3.56 2.17
C THR C 104 19.01 2.82 1.21
N SER C 105 18.56 1.69 0.70
CA SER C 105 19.32 0.97 -0.28
C SER C 105 19.63 1.92 -1.47
N MET C 106 18.64 2.71 -1.89
CA MET C 106 18.82 3.67 -2.96
C MET C 106 19.71 4.82 -2.53
N ASN C 107 19.41 5.41 -1.37
CA ASN C 107 20.18 6.55 -0.93
C ASN C 107 21.66 6.18 -0.82
N LYS C 108 21.98 4.97 -0.38
CA LYS C 108 23.36 4.51 -0.35
C LYS C 108 24.00 4.44 -1.73
N LYS C 109 23.23 4.17 -2.78
CA LYS C 109 23.75 4.25 -4.14
C LYS C 109 23.97 5.68 -4.58
N LEU C 110 23.04 6.55 -4.18
CA LEU C 110 23.04 7.94 -4.60
C LEU C 110 24.24 8.68 -3.98
N ASN C 111 24.53 8.38 -2.72
CA ASN C 111 25.67 8.97 -1.93
C ASN C 111 25.96 8.07 -0.74
N ASN C 112 27.05 7.29 -0.85
CA ASN C 112 27.48 6.39 0.18
C ASN C 112 28.08 7.02 1.46
N GLU C 113 28.32 8.35 1.49
CA GLU C 113 28.89 9.01 2.70
C GLU C 113 27.80 9.38 3.68
N ILE C 114 26.53 9.27 3.29
CA ILE C 114 25.43 9.63 4.19
C ILE C 114 24.84 8.35 4.75
N GLU C 115 24.71 8.26 6.09
CA GLU C 115 24.12 7.09 6.74
C GLU C 115 22.71 7.45 7.18
N THR C 116 21.82 6.47 7.16
CA THR C 116 20.45 6.64 7.69
C THR C 116 20.40 5.82 8.99
N LEU C 117 20.00 6.46 10.07
CA LEU C 117 19.84 5.91 11.40
C LEU C 117 18.34 5.90 11.72
N TYR C 118 17.85 4.85 12.34
CA TYR C 118 16.42 4.78 12.64
C TYR C 118 16.22 4.68 14.11
N MET C 119 15.12 5.25 14.53
CA MET C 119 14.72 5.02 15.91
C MET C 119 13.28 4.57 15.90
N MET C 120 12.95 3.74 16.87
CA MET C 120 11.68 3.12 16.99
C MET C 120 10.77 4.16 17.64
N SER C 121 9.57 4.31 17.11
CA SER C 121 8.60 5.21 17.76
C SER C 121 8.26 4.72 19.18
N SER C 122 8.02 5.65 20.08
CA SER C 122 7.62 5.26 21.43
C SER C 122 6.27 4.52 21.39
N THR C 123 6.03 3.69 22.39
CA THR C 123 4.78 2.93 22.57
C THR C 123 3.47 3.76 22.20
N ASN C 124 3.35 4.90 22.82
CA ASN C 124 2.13 5.71 22.65
C ASN C 124 1.90 6.24 21.27
N TYR C 125 2.95 6.33 20.45
CA TYR C 125 2.81 7.00 19.15
C TYR C 125 2.90 6.09 17.96
N SER C 126 3.08 4.81 18.18
CA SER C 126 3.18 3.82 17.10
C SER C 126 2.04 3.83 16.08
N PHE C 127 0.84 4.27 16.50
CA PHE C 127 -0.31 4.26 15.60
C PHE C 127 -0.56 5.60 14.96
N ILE C 128 0.10 6.66 15.38
CA ILE C 128 -0.24 7.92 14.78
C ILE C 128 0.52 8.19 13.47
N SER C 129 -0.21 8.70 12.52
CA SER C 129 0.34 9.30 11.31
C SER C 129 -0.42 10.55 11.05
N SER C 130 0.16 11.44 10.25
CA SER C 130 -0.54 12.55 9.66
C SER C 130 -1.91 12.16 9.10
N SER C 131 -1.97 11.05 8.35
CA SER C 131 -3.23 10.57 7.73
C SER C 131 -4.33 10.25 8.70
N ILE C 132 -4.01 9.49 9.72
CA ILE C 132 -5.08 9.11 10.60
C ILE C 132 -5.54 10.28 11.48
N VAL C 133 -4.64 11.18 11.81
CA VAL C 133 -4.99 12.43 12.56
C VAL C 133 -5.91 13.32 11.74
N LYS C 134 -5.65 13.40 10.45
CA LYS C 134 -6.49 14.17 9.55
C LYS C 134 -7.83 13.49 9.38
N GLU C 135 -7.88 12.15 9.41
CA GLU C 135 -9.18 11.46 9.38
C GLU C 135 -10.00 11.77 10.64
N VAL C 136 -9.40 11.64 11.81
CA VAL C 136 -10.07 11.97 13.09
C VAL C 136 -10.51 13.46 13.15
N ALA C 137 -9.67 14.32 12.65
CA ALA C 137 -9.98 15.73 12.59
C ALA C 137 -11.17 16.03 11.63
N ALA C 138 -11.30 15.27 10.55
CA ALA C 138 -12.42 15.43 9.63
C ALA C 138 -13.76 15.09 10.27
N TYR C 139 -13.78 14.25 11.30
CA TYR C 139 -14.98 13.93 12.02
C TYR C 139 -15.01 14.73 13.30
N ARG C 140 -14.14 15.73 13.41
CA ARG C 140 -14.07 16.66 14.55
C ARG C 140 -13.91 16.03 15.92
N ALA C 141 -13.31 14.84 16.00
CA ALA C 141 -13.06 14.23 17.26
C ALA C 141 -11.86 14.90 17.89
N ASP C 142 -11.57 14.57 19.13
CA ASP C 142 -10.49 15.34 19.78
C ASP C 142 -9.08 14.79 19.48
N ILE C 143 -8.21 15.71 19.11
CA ILE C 143 -6.91 15.38 18.58
C ILE C 143 -5.81 15.93 19.44
N SER C 144 -6.18 16.42 20.63
CA SER C 144 -5.20 17.05 21.53
C SER C 144 -4.10 16.08 21.98
N GLU C 145 -4.37 14.79 22.02
CA GLU C 145 -3.32 13.86 22.42
C GLU C 145 -2.32 13.53 21.27
N PHE C 146 -2.63 13.96 20.05
CA PHE C 146 -1.90 13.50 18.85
C PHE C 146 -1.02 14.54 18.19
N VAL C 147 -1.30 15.80 18.49
CA VAL C 147 -0.65 16.92 17.82
C VAL C 147 -0.49 18.05 18.81
N PRO C 148 0.55 18.87 18.62
CA PRO C 148 0.70 20.05 19.49
C PRO C 148 -0.39 21.10 19.28
N PRO C 149 -0.54 22.02 20.25
CA PRO C 149 -1.68 22.96 20.30
C PRO C 149 -1.85 23.84 19.08
N TYR C 150 -0.75 24.37 18.52
CA TYR C 150 -0.83 25.16 17.30
C TYR C 150 -1.31 24.34 16.08
N VAL C 151 -0.84 23.07 15.99
CA VAL C 151 -1.27 22.25 14.93
C VAL C 151 -2.75 21.88 15.16
N GLU C 152 -3.11 21.56 16.40
CA GLU C 152 -4.54 21.28 16.73
C GLU C 152 -5.44 22.39 16.18
N LYS C 153 -5.09 23.64 16.50
CA LYS C 153 -5.85 24.78 15.97
C LYS C 153 -5.90 24.80 14.47
N ALA C 154 -4.78 24.54 13.78
CA ALA C 154 -4.81 24.62 12.32
C ALA C 154 -5.68 23.50 11.68
N LEU C 155 -5.62 22.29 12.24
CA LEU C 155 -6.48 21.19 11.76
C LEU C 155 -7.96 21.49 11.93
N LYS C 156 -8.33 21.91 13.13
CA LYS C 156 -9.73 22.27 13.34
C LYS C 156 -10.20 23.35 12.36
N LYS C 157 -9.39 24.39 12.13
CA LYS C 157 -9.83 25.41 11.15
C LYS C 157 -9.92 24.82 9.74
N LYS C 158 -9.00 23.93 9.37
CA LYS C 158 -9.08 23.21 8.11
C LYS C 158 -10.33 22.31 7.94
N PHE C 159 -10.72 21.56 8.94
CA PHE C 159 -11.82 20.62 8.77
C PHE C 159 -13.12 21.19 9.38
N LYS C 160 -13.12 22.50 9.66
CA LYS C 160 -14.32 23.21 10.14
C LYS C 160 -15.59 22.53 9.69
C1 2W5 D . 0.60 -13.80 -11.71
C3 2W5 D . -0.28 -11.74 -12.50
C7 2W5 D . -1.83 -7.40 -12.45
C9 2W5 D . -2.51 -11.30 -12.61
C11 2W5 D . -3.95 -11.54 -12.40
C13 2W5 D . -4.37 -11.73 -10.92
C14 2W5 D . -5.59 -12.66 -10.90
C15 2W5 D . -6.76 -11.83 -11.47
C16 2W5 D . -6.53 -11.60 -12.96
C19 2W5 D . -4.84 -11.02 -14.82
C22 2W5 D . -4.67 -9.62 -16.73
C24 2W5 D . -2.29 -9.02 -16.23
C30 2W5 D . -2.92 -10.05 -18.35
O2 2W5 D . 0.81 -12.55 -12.37
C4 2W5 D . -0.02 -10.37 -12.84
C5 2W5 D . -1.09 -9.50 -13.00
O6 2W5 D . -0.95 -8.17 -13.31
N8 2W5 D . -2.32 -10.00 -12.88
N10 2W5 D . -1.53 -12.19 -12.39
C17 2W5 D . -5.10 -11.37 -13.37
O20 2W5 D . -4.59 -11.97 -15.50
N21 2W5 D . -4.90 -9.75 -15.30
C23 2W5 D . -3.24 -9.57 -17.09
C25 2W5 D . -0.96 -8.98 -16.66
C26 2W5 D . -0.65 -9.47 -17.94
CL7 2W5 D . 0.96 -9.34 -18.53
C28 2W5 D . -1.61 -9.99 -18.78
CL9 2W5 D . -1.22 -10.65 -20.33
N1 EPE E . -12.73 -15.99 -21.36
C2 EPE E . -13.02 -15.77 -19.93
C3 EPE E . -12.01 -16.48 -19.03
N4 EPE E . -11.80 -17.92 -19.32
C5 EPE E . -11.72 -18.21 -20.78
C6 EPE E . -12.68 -17.42 -21.67
C7 EPE E . -10.59 -18.50 -18.69
C8 EPE E . -10.60 -18.72 -17.20
O8 EPE E . -10.78 -17.47 -16.52
C9 EPE E . -13.72 -15.38 -22.29
C10 EPE E . -14.25 -14.00 -21.87
S EPE E . -14.95 -13.19 -23.18
O1S EPE E . -15.48 -14.29 -24.02
O2S EPE E . -15.96 -12.12 -22.78
O3S EPE E . -13.88 -12.43 -23.86
PB ADP F . 6.22 -4.62 -13.02
O1B ADP F . 7.14 -5.74 -12.52
O2B ADP F . 6.63 -4.10 -14.38
O3B ADP F . 6.13 -3.52 -11.97
PA ADP F . 4.08 -6.35 -12.17
O1A ADP F . 2.58 -6.55 -12.06
O2A ADP F . 5.09 -7.51 -12.42
O3A ADP F . 4.66 -5.18 -13.19
O5' ADP F . 4.67 -5.39 -11.03
C5' ADP F . 5.28 -5.72 -9.77
C4' ADP F . 4.57 -4.48 -9.35
O4' ADP F . 3.32 -4.92 -8.81
C3' ADP F . 5.16 -3.38 -8.48
O3' ADP F . 6.26 -2.74 -9.15
C2' ADP F . 3.86 -2.58 -8.49
O2' ADP F . 3.80 -1.70 -9.64
C1' ADP F . 2.71 -3.62 -8.65
N9 ADP F . 1.76 -3.62 -7.48
C8 ADP F . 0.45 -3.22 -7.54
N7 ADP F . -0.14 -3.34 -6.31
C5 ADP F . 0.82 -3.82 -5.47
C6 ADP F . 0.84 -4.20 -4.04
N6 ADP F . -0.30 -4.03 -3.31
N1 ADP F . 2.02 -4.67 -3.53
C2 ADP F . 3.14 -4.82 -4.29
N3 ADP F . 3.19 -4.53 -5.61
C4 ADP F . 2.07 -4.02 -6.24
C1 2W5 G . -12.37 3.51 7.30
C3 2W5 G . -12.74 2.03 9.05
C7 2W5 G . -12.31 -0.81 12.92
C9 2W5 G . -12.28 3.05 11.12
C11 2W5 G . -11.69 4.43 11.62
C13 2W5 G . -10.47 4.20 12.55
C14 2W5 G . -10.07 5.47 13.38
C15 2W5 G . -10.23 6.77 12.59
C16 2W5 G . -11.71 6.94 12.14
C19 2W5 G . -13.74 5.74 11.35
C22 2W5 G . -14.71 6.01 9.05
C24 2W5 G . -16.82 5.75 9.53
C30 2W5 G . -16.10 3.64 8.52
O2 2W5 G . -12.86 2.20 7.71
C4 2W5 G . -13.01 0.80 9.69
C5 2W5 G . -12.80 0.75 11.12
O6 2W5 G . -13.05 -0.46 11.76
N8 2W5 G . -12.48 1.89 11.77
N10 2W5 G . -12.39 3.08 9.78
C17 2W5 G . -12.49 5.62 12.13
O20 2W5 G . -14.72 5.62 12.02
N21 2W5 G . -13.64 5.90 10.04
C23 2W5 G . -15.85 4.99 9.01
C25 2W5 G . -18.09 5.28 9.69
C26 2W5 G . -18.41 4.03 9.26
CL7 2W5 G . -20.07 3.62 9.55
C28 2W5 G . -17.47 3.18 8.68
CL9 2W5 G . -18.36 1.70 8.29
N1 EPE H . -32.80 -18.57 -3.39
C2 EPE H . -33.01 -18.24 -4.81
C3 EPE H . -34.40 -17.83 -5.20
N4 EPE H . -35.47 -18.66 -4.56
C5 EPE H . -35.19 -18.64 -3.14
C6 EPE H . -33.91 -19.38 -2.86
C7 EPE H . -36.75 -18.00 -4.87
C8 EPE H . -38.00 -18.86 -4.57
O8 EPE H . -38.16 -19.30 -3.20
C9 EPE H . -31.58 -19.39 -3.38
C10 EPE H . -30.74 -19.34 -2.11
S EPE H . -29.15 -18.85 -2.43
O1S EPE H . -28.26 -19.87 -2.98
O2S EPE H . -28.65 -18.62 -1.07
O3S EPE H . -29.28 -17.59 -3.21
PB ADP I . -14.69 -4.03 2.49
O1B ADP I . -14.66 -4.78 3.86
O2B ADP I . -13.69 -4.63 1.48
O3B ADP I . -16.07 -3.83 1.89
PA ADP I . -12.91 -1.92 3.57
O1A ADP I . -12.88 -1.87 5.13
O2A ADP I . -12.78 -0.64 2.74
O3A ADP I . -14.32 -2.53 3.05
O5' ADP I . -11.92 -3.06 2.92
C5' ADP I . -11.26 -2.95 1.64
C4' ADP I . -9.95 -2.29 2.04
O4' ADP I . -8.87 -3.21 2.51
C3' ADP I . -9.26 -1.36 1.02
O3' ADP I . -9.84 -0.05 0.82
C2' ADP I . -7.93 -1.21 1.78
O2' ADP I . -7.75 0.16 2.22
C1' ADP I . -7.92 -2.19 2.99
N9 ADP I . -6.45 -2.40 3.31
C8 ADP I . -5.67 -3.51 3.50
N7 ADP I . -4.35 -3.15 3.75
C5 ADP I . -4.29 -1.78 3.68
C6 ADP I . -3.27 -0.69 3.81
N6 ADP I . -1.97 -0.98 4.07
N1 ADP I . -3.67 0.63 3.70
C2 ADP I . -4.94 1.01 3.42
N3 ADP I . -5.92 0.06 3.28
C4 ADP I . -5.67 -1.31 3.41
C1 2W5 J . 10.40 11.65 2.30
C3 2W5 J . 12.08 10.68 1.16
C7 2W5 J . 15.55 8.53 3.48
C9 2W5 J . 13.88 9.71 0.06
C11 2W5 J . 14.24 9.27 -1.35
C13 2W5 J . 14.94 7.86 -1.36
C14 2W5 J . 15.42 7.45 -2.74
C15 2W5 J . 14.78 8.24 -3.90
C16 2W5 J . 14.98 9.77 -3.78
C19 2W5 J . 14.50 11.66 -2.28
C22 2W5 J . 13.45 13.76 -2.61
C24 2W5 J . 12.30 13.85 -0.41
C30 2W5 J . 14.07 15.46 -0.89
O2 2W5 J . 10.92 11.28 0.99
C4 2W5 J . 12.66 10.43 2.41
C5 2W5 J . 13.90 9.73 2.40
O6 2W5 J . 14.53 9.50 3.62
N8 2W5 J . 14.49 9.43 1.22
N10 2W5 J . 12.70 10.29 0.04
C17 2W5 J . 14.91 10.22 -2.30
O20 2W5 J . 15.43 12.21 -1.85
N21 2W5 J . 13.40 12.33 -2.70
C23 2W5 J . 13.27 14.36 -1.25
C25 2W5 J . 12.12 14.44 0.84
C26 2W5 J . 12.86 15.54 1.22
CL7 2W5 J . 12.63 16.29 2.78
C28 2W5 J . 13.85 16.04 0.35
CL9 2W5 J . 14.81 17.38 0.89
PB ADP K . 5.79 12.53 6.82
O1B ADP K . 4.83 11.48 7.47
O2B ADP K . 5.07 13.54 5.90
O3B ADP K . 6.65 13.38 7.76
PA ADP K . 7.37 11.06 4.50
O1A ADP K . 8.49 10.10 4.85
O2A ADP K . 7.77 12.06 3.39
O3A ADP K . 7.00 11.72 5.99
O5' ADP K . 5.97 10.39 3.99
C5' ADP K . 4.70 10.31 4.68
C4' ADP K . 4.50 9.02 5.48
O4' ADP K . 3.93 8.03 4.60
C3' ADP K . 5.80 8.41 6.08
O3' ADP K . 5.67 8.17 7.52
C2' ADP K . 6.10 7.17 5.23
O2' ADP K . 6.75 6.13 6.01
C1' ADP K . 4.70 6.79 4.65
N9 ADP K . 4.67 6.10 3.30
C8 ADP K . 4.52 6.69 2.06
N7 ADP K . 4.48 5.74 1.08
C5 ADP K . 4.56 4.53 1.70
C6 ADP K . 4.58 3.09 1.29
N6 ADP K . 4.48 2.80 -0.01
N1 ADP K . 4.68 2.10 2.23
C2 ADP K . 4.78 2.40 3.55
N3 ADP K . 4.78 3.69 4.01
C4 ADP K . 4.68 4.77 3.15
#